data_7JN9
#
_entry.id   7JN9
#
_cell.length_a   37.269
_cell.length_b   95.610
_cell.length_c   116.980
_cell.angle_alpha   90.000
_cell.angle_beta   90.000
_cell.angle_gamma   90.000
#
_symmetry.space_group_name_H-M   'I 2 2 2'
#
loop_
_entity.id
_entity.type
_entity.pdbx_description
1 polymer 'Chaperone protein DnaK'
2 polymer 'Alkaline phosphatase peptide'
3 non-polymer 'SULFATE ION'
4 water water
#
loop_
_entity_poly.entity_id
_entity_poly.type
_entity_poly.pdbx_seq_one_letter_code
_entity_poly.pdbx_strand_id
1 'polypeptide(L)'
;VLLLDVTPLSLGIETMGGVMTTLIAKNTTIPTKHSQVFSTAEDNQSAVTIHVLQGERKRAADNKSLGQFNLDGINPAPRG
MPQIEVTFDIDADGILHVSAKDKNSGKEQKITIKASSGLNEDEIQKMVRDAEANAEADRKFEELVQTRNQGDHLLHSTRK
QVEEAGDKLPADDKTAIESALTALETALKGEDKAAIEAKMQELAQVSQKLMEIAQQQHA
;
A
2 'polypeptide(L)' QEHTGSQLRIAAYGP B
#
# COMPACT_ATOMS: atom_id res chain seq x y z
N VAL A 1 0.80 35.10 11.78
CA VAL A 1 0.03 35.46 13.03
C VAL A 1 -1.35 36.07 12.68
N LEU A 2 -1.57 36.61 11.48
CA LEU A 2 -2.94 36.92 10.98
C LEU A 2 -3.32 35.97 9.85
N LEU A 3 -2.34 35.40 9.14
CA LEU A 3 -2.54 34.31 8.16
C LEU A 3 -1.59 33.14 8.48
N LEU A 4 -2.00 31.93 8.08
CA LEU A 4 -1.13 30.73 7.88
C LEU A 4 -1.30 30.24 6.44
N ASP A 5 -0.19 29.97 5.73
CA ASP A 5 -0.19 29.02 4.59
C ASP A 5 -0.42 27.64 5.22
N VAL A 6 -1.54 26.99 4.87
CA VAL A 6 -1.82 25.57 5.25
C VAL A 6 -2.16 24.79 3.98
N THR A 7 -1.93 23.49 4.04
CA THR A 7 -2.50 22.49 3.09
C THR A 7 -3.98 22.36 3.41
N PRO A 8 -4.88 22.69 2.48
CA PRO A 8 -6.31 22.50 2.72
C PRO A 8 -6.74 21.03 2.63
N LEU A 9 -5.94 20.20 1.95
CA LEU A 9 -6.19 18.75 1.79
C LEU A 9 -4.89 17.97 2.04
N SER A 10 -5.06 16.69 2.35
CA SER A 10 -4.01 15.67 2.60
C SER A 10 -3.24 15.39 1.30
N LEU A 11 -1.97 15.06 1.44
CA LEU A 11 -1.05 14.74 0.31
C LEU A 11 -0.39 13.40 0.61
N GLY A 12 -0.19 12.58 -0.41
CA GLY A 12 0.48 11.28 -0.23
C GLY A 12 0.51 10.45 -1.49
N ILE A 13 0.55 9.14 -1.35
CA ILE A 13 0.84 8.28 -2.52
C ILE A 13 -0.12 7.09 -2.57
N GLU A 14 -0.18 6.42 -3.71
CA GLU A 14 -0.93 5.15 -3.83
C GLU A 14 -0.05 4.04 -3.24
N THR A 15 -0.62 3.23 -2.35
CA THR A 15 -0.03 2.00 -1.78
C THR A 15 -0.89 0.79 -2.20
N MET A 16 -0.32 -0.40 -2.08
CA MET A 16 -0.88 -1.72 -2.51
C MET A 16 -2.38 -1.82 -2.22
N GLY A 17 -3.17 -2.21 -3.24
CA GLY A 17 -4.65 -2.30 -3.13
C GLY A 17 -5.36 -0.99 -3.50
N GLY A 18 -4.63 0.01 -4.00
CA GLY A 18 -5.22 1.27 -4.49
C GLY A 18 -5.69 2.18 -3.37
N VAL A 19 -5.00 2.16 -2.23
CA VAL A 19 -5.21 3.01 -1.03
C VAL A 19 -4.40 4.30 -1.18
N MET A 20 -5.00 5.46 -0.92
CA MET A 20 -4.23 6.70 -0.66
C MET A 20 -3.71 6.59 0.77
N THR A 21 -2.39 6.47 0.90
CA THR A 21 -1.63 6.64 2.15
C THR A 21 -1.13 8.10 2.23
N THR A 22 -1.46 8.78 3.33
CA THR A 22 -1.20 10.22 3.58
C THR A 22 0.24 10.40 4.08
N LEU A 23 0.93 11.44 3.65
CA LEU A 23 2.31 11.77 4.08
C LEU A 23 2.31 13.11 4.84
N ILE A 24 1.57 14.10 4.33
CA ILE A 24 1.33 15.42 4.98
C ILE A 24 -0.18 15.59 5.18
N ALA A 25 -0.62 15.56 6.44
CA ALA A 25 -2.03 15.76 6.86
C ALA A 25 -2.57 17.12 6.40
N LYS A 26 -3.86 17.16 6.11
CA LYS A 26 -4.75 18.34 5.95
C LYS A 26 -4.51 19.34 7.08
N ASN A 27 -4.56 20.63 6.75
CA ASN A 27 -4.48 21.78 7.68
C ASN A 27 -3.11 21.79 8.35
N THR A 28 -2.11 21.13 7.74
CA THR A 28 -0.68 21.29 8.10
C THR A 28 -0.22 22.64 7.59
N THR A 29 0.63 23.33 8.33
CA THR A 29 1.12 24.69 8.00
C THR A 29 2.47 24.51 7.29
N ILE A 30 2.71 25.30 6.24
CA ILE A 30 3.96 25.21 5.42
C ILE A 30 4.94 26.21 6.02
N PRO A 31 6.28 26.01 5.91
CA PRO A 31 6.87 24.81 5.30
C PRO A 31 6.87 23.56 6.20
N THR A 32 7.02 22.39 5.58
CA THR A 32 6.91 21.07 6.23
C THR A 32 7.65 20.04 5.39
N LYS A 33 8.10 18.98 6.04
CA LYS A 33 8.83 17.84 5.43
C LYS A 33 8.47 16.59 6.23
N HIS A 34 7.76 15.64 5.65
CA HIS A 34 7.51 14.31 6.28
C HIS A 34 8.08 13.25 5.33
N SER A 35 8.57 12.17 5.89
CA SER A 35 9.15 11.04 5.14
C SER A 35 8.58 9.75 5.72
N GLN A 36 8.55 8.69 4.92
CA GLN A 36 8.05 7.38 5.37
C GLN A 36 8.66 6.32 4.47
N VAL A 37 9.14 5.24 5.08
CA VAL A 37 9.78 4.09 4.41
C VAL A 37 8.68 3.11 3.98
N PHE A 38 8.67 2.76 2.69
CA PHE A 38 7.78 1.74 2.08
C PHE A 38 8.63 0.65 1.45
N SER A 39 7.99 -0.40 0.93
CA SER A 39 8.68 -1.57 0.34
C SER A 39 7.95 -2.02 -0.92
N THR A 40 8.34 -3.18 -1.46
CA THR A 40 7.87 -3.75 -2.74
C THR A 40 6.67 -4.64 -2.47
N ALA A 41 5.68 -4.64 -3.38
CA ALA A 41 4.45 -5.46 -3.29
C ALA A 41 4.73 -6.88 -3.76
N GLU A 42 5.73 -7.05 -4.63
CA GLU A 42 6.00 -8.28 -5.44
C GLU A 42 7.45 -8.72 -5.24
N ASP A 43 7.71 -10.03 -5.22
CA ASP A 43 9.09 -10.59 -5.18
C ASP A 43 9.86 -10.12 -6.43
N ASN A 44 11.16 -9.81 -6.28
CA ASN A 44 12.08 -9.48 -7.39
C ASN A 44 11.54 -8.27 -8.17
N GLN A 45 10.74 -7.43 -7.52
CA GLN A 45 10.21 -6.16 -8.09
C GLN A 45 11.41 -5.23 -8.29
N SER A 46 11.59 -4.70 -9.50
CA SER A 46 12.77 -3.90 -9.89
C SER A 46 12.47 -2.40 -9.82
N ALA A 47 11.21 -1.99 -9.63
CA ALA A 47 10.81 -0.57 -9.64
C ALA A 47 9.49 -0.34 -8.91
N VAL A 48 9.24 0.90 -8.50
CA VAL A 48 7.99 1.35 -7.83
C VAL A 48 7.50 2.56 -8.62
N THR A 49 6.20 2.65 -8.81
CA THR A 49 5.51 3.85 -9.34
C THR A 49 5.06 4.70 -8.14
N ILE A 50 5.58 5.93 -8.05
CA ILE A 50 5.13 6.87 -7.00
C ILE A 50 4.03 7.69 -7.64
N HIS A 51 2.79 7.45 -7.20
CA HIS A 51 1.61 8.19 -7.68
C HIS A 51 1.24 9.20 -6.60
N VAL A 52 1.42 10.49 -6.88
CA VAL A 52 1.21 11.59 -5.89
C VAL A 52 -0.25 12.05 -5.97
N LEU A 53 -0.88 12.18 -4.80
CA LEU A 53 -2.35 12.26 -4.64
C LEU A 53 -2.66 13.44 -3.73
N GLN A 54 -3.72 14.19 -4.03
CA GLN A 54 -4.33 15.20 -3.12
C GLN A 54 -5.78 14.81 -2.86
N GLY A 55 -6.19 14.83 -1.58
CA GLY A 55 -7.61 14.69 -1.18
C GLY A 55 -7.73 13.88 0.07
N GLU A 56 -8.97 13.52 0.44
CA GLU A 56 -9.33 12.92 1.75
C GLU A 56 -10.05 11.57 1.59
N ARG A 57 -10.15 11.02 0.37
CA ARG A 57 -10.82 9.73 0.10
C ARG A 57 -9.81 8.62 0.36
N LYS A 58 -10.25 7.44 0.80
CA LYS A 58 -9.34 6.31 1.10
C LYS A 58 -8.95 5.62 -0.21
N ARG A 59 -9.84 5.59 -1.21
CA ARG A 59 -9.52 5.02 -2.56
C ARG A 59 -8.65 6.05 -3.30
N ALA A 60 -7.51 5.60 -3.84
CA ALA A 60 -6.54 6.44 -4.58
C ALA A 60 -7.24 7.11 -5.76
N ALA A 61 -8.13 6.39 -6.44
CA ALA A 61 -8.79 6.87 -7.69
C ALA A 61 -9.82 7.97 -7.38
N ASP A 62 -10.33 8.08 -6.13
CA ASP A 62 -11.31 9.15 -5.76
C ASP A 62 -10.57 10.43 -5.38
N ASN A 63 -9.24 10.44 -5.45
CA ASN A 63 -8.40 11.61 -5.08
C ASN A 63 -7.83 12.26 -6.33
N LYS A 64 -7.37 13.50 -6.21
CA LYS A 64 -6.72 14.26 -7.31
C LYS A 64 -5.28 13.75 -7.51
N SER A 65 -4.96 13.31 -8.73
CA SER A 65 -3.59 12.91 -9.12
C SER A 65 -2.75 14.18 -9.37
N LEU A 66 -1.62 14.32 -8.70
CA LEU A 66 -0.70 15.47 -8.91
C LEU A 66 0.44 15.11 -9.87
N GLY A 67 0.46 13.87 -10.36
CA GLY A 67 1.54 13.35 -11.20
C GLY A 67 2.10 12.06 -10.65
N GLN A 68 2.89 11.35 -11.45
CA GLN A 68 3.53 10.07 -11.09
C GLN A 68 4.97 10.08 -11.61
N PHE A 69 5.84 9.29 -10.98
CA PHE A 69 7.24 9.02 -11.42
C PHE A 69 7.68 7.65 -10.90
N ASN A 70 8.69 7.07 -11.57
CA ASN A 70 9.25 5.74 -11.26
C ASN A 70 10.60 5.89 -10.57
N LEU A 71 10.89 5.01 -9.62
CA LEU A 71 12.27 4.69 -9.18
C LEU A 71 12.58 3.29 -9.71
N ASP A 72 13.57 3.18 -10.61
CA ASP A 72 14.10 1.91 -11.21
C ASP A 72 15.27 1.46 -10.34
N GLY A 73 15.88 0.31 -10.66
CA GLY A 73 17.19 -0.08 -10.13
C GLY A 73 17.09 -0.79 -8.79
N ILE A 74 15.91 -1.28 -8.41
CA ILE A 74 15.74 -2.07 -7.17
C ILE A 74 16.32 -3.46 -7.42
N ASN A 75 17.34 -3.85 -6.65
CA ASN A 75 18.06 -5.11 -6.86
C ASN A 75 17.14 -6.23 -6.41
N PRO A 76 17.20 -7.41 -7.07
CA PRO A 76 16.34 -8.53 -6.71
C PRO A 76 16.27 -8.70 -5.19
N ALA A 77 15.08 -8.86 -4.64
CA ALA A 77 14.86 -9.19 -3.22
C ALA A 77 13.47 -9.77 -3.05
N PRO A 78 13.21 -10.54 -1.97
CA PRO A 78 11.84 -10.85 -1.57
C PRO A 78 11.07 -9.54 -1.38
N ARG A 79 9.76 -9.57 -1.64
CA ARG A 79 8.87 -8.42 -1.37
C ARG A 79 8.95 -8.06 0.12
N GLY A 80 8.83 -6.76 0.44
CA GLY A 80 8.70 -6.26 1.82
C GLY A 80 10.03 -6.05 2.49
N MET A 81 11.12 -6.32 1.77
CA MET A 81 12.51 -6.25 2.27
C MET A 81 13.18 -4.97 1.80
N PRO A 82 13.07 -4.54 0.53
CA PRO A 82 13.63 -3.23 0.13
C PRO A 82 13.05 -2.06 0.92
N GLN A 83 13.90 -1.07 1.20
CA GLN A 83 13.55 0.19 1.91
C GLN A 83 13.49 1.30 0.87
N ILE A 84 12.28 1.74 0.53
CA ILE A 84 12.08 2.93 -0.34
C ILE A 84 11.57 4.04 0.56
N GLU A 85 12.41 5.04 0.81
CA GLU A 85 12.05 6.20 1.66
C GLU A 85 11.40 7.23 0.74
N VAL A 86 10.18 7.64 1.08
CA VAL A 86 9.43 8.68 0.33
C VAL A 86 9.41 9.94 1.18
N THR A 87 9.81 11.08 0.62
CA THR A 87 9.85 12.38 1.35
C THR A 87 8.96 13.38 0.62
N PHE A 88 7.92 13.88 1.30
CA PHE A 88 7.16 15.07 0.90
C PHE A 88 7.71 16.27 1.64
N ASP A 89 8.16 17.27 0.88
CA ASP A 89 8.75 18.54 1.36
C ASP A 89 8.03 19.70 0.66
N ILE A 90 7.22 20.46 1.39
CA ILE A 90 6.63 21.76 0.94
C ILE A 90 7.44 22.92 1.55
N ASP A 91 7.94 23.81 0.68
CA ASP A 91 8.83 24.95 1.04
C ASP A 91 7.98 26.21 1.29
N ALA A 92 8.62 27.31 1.69
CA ALA A 92 8.00 28.63 1.97
C ALA A 92 7.22 29.13 0.76
N ASP A 93 7.68 28.84 -0.47
CA ASP A 93 7.06 29.34 -1.73
C ASP A 93 5.84 28.48 -2.12
N GLY A 94 5.54 27.42 -1.34
CA GLY A 94 4.38 26.54 -1.54
C GLY A 94 4.65 25.42 -2.54
N ILE A 95 5.91 25.16 -2.92
CA ILE A 95 6.30 24.07 -3.87
C ILE A 95 6.45 22.75 -3.11
N LEU A 96 5.85 21.68 -3.64
CA LEU A 96 5.94 20.29 -3.12
C LEU A 96 7.04 19.53 -3.89
N HIS A 97 8.04 19.06 -3.16
CA HIS A 97 9.06 18.12 -3.67
C HIS A 97 8.77 16.75 -3.09
N VAL A 98 8.53 15.76 -3.95
CA VAL A 98 8.44 14.34 -3.54
C VAL A 98 9.67 13.63 -4.10
N SER A 99 10.42 13.00 -3.20
CA SER A 99 11.58 12.14 -3.51
C SER A 99 11.24 10.71 -3.07
N ALA A 100 11.66 9.73 -3.87
CA ALA A 100 11.75 8.30 -3.48
C ALA A 100 13.22 7.90 -3.56
N LYS A 101 13.72 7.19 -2.55
CA LYS A 101 15.16 6.80 -2.47
C LYS A 101 15.26 5.35 -2.02
N ASP A 102 15.92 4.51 -2.83
CA ASP A 102 16.36 3.14 -2.51
C ASP A 102 17.52 3.24 -1.50
N LYS A 103 17.25 2.92 -0.25
CA LYS A 103 18.23 3.05 0.87
C LYS A 103 19.35 2.03 0.68
N ASN A 104 19.19 1.03 -0.21
CA ASN A 104 20.25 0.06 -0.60
C ASN A 104 21.15 0.66 -1.69
N SER A 105 20.59 0.97 -2.86
CA SER A 105 21.37 1.37 -4.07
C SER A 105 21.78 2.84 -4.01
N GLY A 106 21.23 3.64 -3.08
CA GLY A 106 21.46 5.10 -3.03
C GLY A 106 20.64 5.88 -4.06
N LYS A 107 19.97 5.20 -4.99
CA LYS A 107 19.30 5.80 -6.18
C LYS A 107 18.08 6.65 -5.74
N GLU A 108 17.73 7.68 -6.51
CA GLU A 108 16.72 8.68 -6.11
C GLU A 108 16.03 9.27 -7.35
N GLN A 109 14.70 9.38 -7.32
CA GLN A 109 13.93 10.17 -8.31
C GLN A 109 12.94 11.07 -7.56
N LYS A 110 12.81 12.29 -8.06
CA LYS A 110 11.96 13.38 -7.52
C LYS A 110 10.92 13.75 -8.58
N ILE A 111 9.82 14.32 -8.10
CA ILE A 111 8.88 15.14 -8.93
C ILE A 111 8.68 16.45 -8.17
N THR A 112 8.52 17.54 -8.90
CA THR A 112 8.29 18.89 -8.32
C THR A 112 6.92 19.35 -8.83
N ILE A 113 6.12 19.87 -7.92
CA ILE A 113 4.69 20.18 -8.17
C ILE A 113 4.42 21.62 -7.73
N LYS A 114 4.22 22.49 -8.71
CA LYS A 114 3.90 23.94 -8.53
C LYS A 114 2.92 24.07 -7.36
N ALA A 115 3.07 25.15 -6.58
CA ALA A 115 2.14 25.62 -5.53
C ALA A 115 0.71 25.65 -6.08
N SER A 116 0.56 25.85 -7.40
CA SER A 116 -0.71 26.18 -8.08
C SER A 116 -1.46 24.92 -8.50
N SER A 117 -0.75 23.77 -8.57
CA SER A 117 -1.29 22.44 -8.96
C SER A 117 -2.37 21.97 -7.98
N GLY A 118 -3.15 20.98 -8.38
CA GLY A 118 -4.18 20.36 -7.53
C GLY A 118 -5.49 21.13 -7.55
N LEU A 119 -6.30 20.97 -6.51
CA LEU A 119 -7.73 21.35 -6.54
C LEU A 119 -7.84 22.83 -6.15
N ASN A 120 -8.71 23.57 -6.84
CA ASN A 120 -9.08 24.98 -6.53
C ASN A 120 -10.08 25.00 -5.36
N GLU A 121 -10.47 26.20 -4.94
CA GLU A 121 -11.14 26.47 -3.63
C GLU A 121 -12.48 25.75 -3.59
N ASP A 122 -13.28 25.79 -4.66
CA ASP A 122 -14.53 24.98 -4.77
C ASP A 122 -14.18 23.51 -4.52
N GLU A 123 -13.50 22.91 -5.49
CA GLU A 123 -13.18 21.46 -5.54
C GLU A 123 -12.70 20.96 -4.19
N ILE A 124 -11.98 21.78 -3.42
CA ILE A 124 -11.53 21.41 -2.06
C ILE A 124 -12.77 21.17 -1.20
N GLN A 125 -13.55 22.25 -1.01
CA GLN A 125 -14.85 22.24 -0.27
C GLN A 125 -15.68 21.04 -0.78
N LYS A 126 -15.75 20.84 -2.09
CA LYS A 126 -16.44 19.67 -2.70
C LYS A 126 -15.82 18.38 -2.15
N MET A 127 -14.54 18.15 -2.43
CA MET A 127 -13.74 16.98 -1.96
C MET A 127 -14.02 16.71 -0.48
N VAL A 128 -14.02 17.74 0.37
CA VAL A 128 -14.26 17.59 1.83
C VAL A 128 -15.66 16.96 2.03
N ARG A 129 -16.67 17.48 1.33
CA ARG A 129 -18.09 17.06 1.47
C ARG A 129 -18.18 15.56 1.15
N ASP A 130 -17.53 15.13 0.08
CA ASP A 130 -17.48 13.70 -0.35
C ASP A 130 -16.81 12.85 0.74
N ALA A 131 -15.71 13.30 1.33
CA ALA A 131 -15.01 12.56 2.40
C ALA A 131 -16.01 12.27 3.52
N GLU A 132 -16.71 13.30 4.00
CA GLU A 132 -17.68 13.19 5.14
C GLU A 132 -18.86 12.31 4.69
N ALA A 133 -19.33 12.49 3.46
CA ALA A 133 -20.47 11.76 2.86
C ALA A 133 -20.16 10.26 2.69
N ASN A 134 -18.90 9.92 2.44
CA ASN A 134 -18.50 8.54 2.04
C ASN A 134 -17.61 7.93 3.11
N ALA A 135 -17.71 8.38 4.36
CA ALA A 135 -16.88 7.89 5.48
C ALA A 135 -17.13 6.39 5.65
N GLU A 136 -18.39 6.00 5.58
CA GLU A 136 -18.84 4.59 5.68
C GLU A 136 -18.21 3.79 4.54
N ALA A 137 -18.43 4.20 3.30
CA ALA A 137 -18.07 3.43 2.09
C ALA A 137 -16.56 3.27 2.06
N ASP A 138 -15.84 4.37 2.25
CA ASP A 138 -14.36 4.41 2.26
C ASP A 138 -13.84 3.47 3.34
N ARG A 139 -14.52 3.43 4.49
CA ARG A 139 -14.14 2.54 5.61
C ARG A 139 -14.27 1.09 5.12
N LYS A 140 -15.40 0.73 4.49
CA LYS A 140 -15.66 -0.64 3.96
C LYS A 140 -14.60 -0.99 2.91
N PHE A 141 -14.18 -0.03 2.09
CA PHE A 141 -13.16 -0.26 1.05
C PHE A 141 -11.81 -0.53 1.74
N GLU A 142 -11.50 0.23 2.79
CA GLU A 142 -10.25 0.05 3.57
C GLU A 142 -10.22 -1.39 4.10
N GLU A 143 -11.36 -1.88 4.61
CA GLU A 143 -11.41 -3.20 5.32
C GLU A 143 -11.18 -4.32 4.31
N LEU A 144 -11.70 -4.19 3.09
CA LEU A 144 -11.52 -5.19 1.99
C LEU A 144 -10.06 -5.20 1.54
N VAL A 145 -9.43 -4.02 1.42
CA VAL A 145 -7.97 -3.90 1.06
C VAL A 145 -7.16 -4.61 2.13
N GLN A 146 -7.39 -4.27 3.39
CA GLN A 146 -6.68 -4.86 4.55
C GLN A 146 -6.85 -6.39 4.50
N THR A 147 -8.10 -6.86 4.29
CA THR A 147 -8.46 -8.29 4.23
C THR A 147 -7.73 -8.92 3.05
N ARG A 148 -7.82 -8.31 1.86
CA ARG A 148 -7.08 -8.78 0.66
C ARG A 148 -5.60 -8.94 1.00
N ASN A 149 -4.99 -7.93 1.62
CA ASN A 149 -3.53 -7.94 1.95
C ASN A 149 -3.22 -8.99 3.03
N GLN A 150 -4.13 -9.22 3.98
CA GLN A 150 -3.94 -10.32 4.97
C GLN A 150 -4.05 -11.66 4.23
N GLY A 151 -5.02 -11.79 3.33
CA GLY A 151 -5.23 -13.02 2.54
C GLY A 151 -4.01 -13.34 1.70
N ASP A 152 -3.47 -12.34 1.00
CA ASP A 152 -2.30 -12.51 0.12
C ASP A 152 -1.05 -12.82 0.96
N HIS A 153 -0.89 -12.24 2.15
CA HIS A 153 0.24 -12.60 3.06
C HIS A 153 0.13 -14.08 3.44
N LEU A 154 -1.02 -14.52 3.92
CA LEU A 154 -1.31 -15.94 4.20
C LEU A 154 -0.99 -16.78 2.96
N LEU A 155 -1.46 -16.34 1.78
CA LEU A 155 -1.20 -17.05 0.51
C LEU A 155 0.31 -17.24 0.32
N HIS A 156 1.05 -16.13 0.16
CA HIS A 156 2.48 -16.10 -0.20
C HIS A 156 3.34 -16.74 0.89
N SER A 157 3.03 -16.52 2.17
CA SER A 157 3.77 -17.12 3.31
C SER A 157 3.58 -18.64 3.36
N THR A 158 2.37 -19.13 3.08
CA THR A 158 2.06 -20.59 3.14
C THR A 158 2.82 -21.31 2.02
N ARG A 159 2.92 -20.74 0.83
CA ARG A 159 3.65 -21.36 -0.32
C ARG A 159 5.13 -21.54 0.03
N LYS A 160 5.78 -20.45 0.49
CA LYS A 160 7.17 -20.45 0.99
C LYS A 160 7.38 -21.62 1.96
N GLN A 161 6.57 -21.67 3.02
CA GLN A 161 6.69 -22.65 4.12
C GLN A 161 6.52 -24.07 3.57
N VAL A 162 5.66 -24.28 2.58
CA VAL A 162 5.46 -25.60 1.90
C VAL A 162 6.78 -26.00 1.23
N GLU A 163 7.36 -25.10 0.43
CA GLU A 163 8.65 -25.30 -0.28
C GLU A 163 9.74 -25.60 0.76
N GLU A 164 9.83 -24.78 1.80
CA GLU A 164 10.83 -24.91 2.90
C GLU A 164 10.64 -26.25 3.60
N ALA A 165 9.40 -26.76 3.69
CA ALA A 165 9.05 -27.98 4.47
C ALA A 165 9.35 -29.26 3.67
N GLY A 166 9.32 -29.22 2.33
CA GLY A 166 9.41 -30.43 1.48
C GLY A 166 8.84 -31.66 2.17
N ASP A 167 9.65 -32.72 2.28
CA ASP A 167 9.19 -34.09 2.64
C ASP A 167 8.65 -34.13 4.09
N LYS A 168 8.87 -33.10 4.90
CA LYS A 168 8.38 -33.05 6.31
C LYS A 168 6.84 -33.06 6.35
N LEU A 169 6.19 -32.45 5.36
CA LEU A 169 4.70 -32.26 5.35
C LEU A 169 4.03 -33.54 4.84
N PRO A 170 3.16 -34.21 5.65
CA PRO A 170 2.45 -35.39 5.20
C PRO A 170 1.62 -35.04 3.96
N ALA A 171 1.96 -35.63 2.80
CA ALA A 171 1.25 -35.55 1.51
C ALA A 171 -0.23 -35.22 1.69
N ASP A 172 -0.89 -35.83 2.69
CA ASP A 172 -2.34 -35.66 3.03
C ASP A 172 -2.65 -34.21 3.47
N ASP A 173 -1.73 -33.58 4.21
CA ASP A 173 -1.82 -32.15 4.61
C ASP A 173 -1.53 -31.28 3.38
N LYS A 174 -0.53 -31.65 2.56
CA LYS A 174 -0.19 -30.92 1.32
C LYS A 174 -1.43 -30.81 0.42
N THR A 175 -2.08 -31.93 0.09
CA THR A 175 -3.29 -31.98 -0.77
C THR A 175 -4.31 -30.94 -0.30
N ALA A 176 -4.56 -30.88 1.01
CA ALA A 176 -5.63 -30.08 1.65
C ALA A 176 -5.26 -28.59 1.60
N ILE A 177 -4.01 -28.29 1.96
CA ILE A 177 -3.40 -26.94 1.90
C ILE A 177 -3.37 -26.45 0.45
N GLU A 178 -2.95 -27.27 -0.52
CA GLU A 178 -2.80 -26.82 -1.94
C GLU A 178 -4.17 -26.37 -2.46
N SER A 179 -5.23 -27.09 -2.09
CA SER A 179 -6.62 -26.86 -2.55
C SER A 179 -7.17 -25.56 -1.93
N ALA A 180 -6.84 -25.32 -0.65
CA ALA A 180 -7.21 -24.12 0.12
C ALA A 180 -6.49 -22.90 -0.46
N LEU A 181 -5.22 -23.05 -0.88
CA LEU A 181 -4.41 -21.93 -1.43
C LEU A 181 -4.99 -21.55 -2.79
N THR A 182 -5.31 -22.54 -3.62
CA THR A 182 -5.94 -22.35 -4.96
C THR A 182 -7.23 -21.56 -4.78
N ALA A 183 -8.02 -21.94 -3.79
CA ALA A 183 -9.35 -21.38 -3.50
C ALA A 183 -9.20 -19.96 -2.92
N LEU A 184 -8.14 -19.73 -2.13
CA LEU A 184 -7.87 -18.43 -1.47
C LEU A 184 -7.40 -17.45 -2.53
N GLU A 185 -6.44 -17.89 -3.35
CA GLU A 185 -5.96 -17.16 -4.54
C GLU A 185 -7.15 -16.77 -5.43
N THR A 186 -8.09 -17.69 -5.69
CA THR A 186 -9.29 -17.37 -6.51
C THR A 186 -10.08 -16.27 -5.83
N ALA A 187 -10.31 -16.38 -4.52
CA ALA A 187 -11.19 -15.45 -3.75
C ALA A 187 -10.58 -14.05 -3.75
N LEU A 188 -9.26 -13.97 -3.75
CA LEU A 188 -8.49 -12.69 -3.69
C LEU A 188 -8.68 -11.91 -4.99
N LYS A 189 -9.02 -12.62 -6.10
CA LYS A 189 -9.33 -12.01 -7.42
C LYS A 189 -10.62 -11.17 -7.33
N GLY A 190 -11.48 -11.49 -6.37
CA GLY A 190 -12.86 -10.96 -6.26
C GLY A 190 -12.96 -9.79 -5.30
N GLU A 191 -14.20 -9.47 -4.90
CA GLU A 191 -14.58 -8.24 -4.16
C GLU A 191 -15.35 -8.60 -2.88
N ASP A 192 -15.58 -9.90 -2.62
CA ASP A 192 -16.36 -10.42 -1.47
C ASP A 192 -15.40 -10.72 -0.32
N LYS A 193 -15.41 -9.87 0.70
CA LYS A 193 -14.50 -9.96 1.87
C LYS A 193 -14.80 -11.26 2.62
N ALA A 194 -16.08 -11.48 2.92
CA ALA A 194 -16.60 -12.66 3.66
C ALA A 194 -15.97 -13.91 3.06
N ALA A 195 -15.96 -14.02 1.74
CA ALA A 195 -15.46 -15.22 1.00
C ALA A 195 -13.94 -15.30 1.16
N ILE A 196 -13.23 -14.18 1.10
CA ILE A 196 -11.75 -14.16 1.31
C ILE A 196 -11.47 -14.73 2.70
N GLU A 197 -12.15 -14.17 3.72
CA GLU A 197 -12.04 -14.57 5.15
C GLU A 197 -12.36 -16.06 5.31
N ALA A 198 -13.26 -16.61 4.49
CA ALA A 198 -13.73 -18.01 4.61
C ALA A 198 -12.64 -18.93 4.07
N LYS A 199 -12.00 -18.55 2.95
CA LYS A 199 -10.83 -19.29 2.42
C LYS A 199 -9.63 -19.15 3.36
N MET A 200 -9.53 -18.02 4.07
CA MET A 200 -8.45 -17.83 5.08
C MET A 200 -8.72 -18.77 6.25
N GLN A 201 -9.97 -18.80 6.73
CA GLN A 201 -10.45 -19.73 7.80
C GLN A 201 -10.10 -21.18 7.41
N GLU A 202 -10.41 -21.58 6.18
CA GLU A 202 -10.18 -22.95 5.69
C GLU A 202 -8.66 -23.23 5.69
N LEU A 203 -7.84 -22.29 5.23
CA LEU A 203 -6.36 -22.48 5.17
C LEU A 203 -5.83 -22.75 6.59
N ALA A 204 -6.24 -21.96 7.58
CA ALA A 204 -5.76 -22.07 8.97
C ALA A 204 -6.08 -23.46 9.52
N GLN A 205 -7.25 -23.99 9.14
CA GLN A 205 -7.82 -25.24 9.71
C GLN A 205 -7.14 -26.48 9.12
N VAL A 206 -6.48 -26.36 7.96
CA VAL A 206 -5.81 -27.52 7.32
C VAL A 206 -4.28 -27.40 7.46
N SER A 207 -3.78 -26.29 8.00
CA SER A 207 -2.34 -25.91 7.98
C SER A 207 -1.70 -26.20 9.35
N GLN A 208 -2.49 -26.50 10.37
CA GLN A 208 -2.02 -26.58 11.78
C GLN A 208 -0.74 -27.41 11.85
N LYS A 209 -0.59 -28.42 10.98
CA LYS A 209 0.62 -29.27 10.94
C LYS A 209 1.75 -28.48 10.26
N LEU A 210 1.47 -27.83 9.12
CA LEU A 210 2.46 -27.01 8.37
C LEU A 210 3.10 -25.99 9.33
N MET A 211 2.26 -25.36 10.15
CA MET A 211 2.69 -24.29 11.09
C MET A 211 3.66 -24.86 12.13
N GLU A 212 3.51 -26.12 12.54
CA GLU A 212 4.39 -26.75 13.58
C GLU A 212 5.80 -26.87 13.01
N ILE A 213 5.90 -27.48 11.82
CA ILE A 213 7.16 -27.67 11.07
C ILE A 213 7.85 -26.31 10.92
N ALA A 214 7.11 -25.28 10.47
CA ALA A 214 7.65 -23.94 10.16
C ALA A 214 8.26 -23.33 11.44
N GLN A 215 7.47 -23.24 12.50
CA GLN A 215 7.93 -22.87 13.87
C GLN A 215 9.24 -23.62 14.15
N GLN A 216 9.23 -24.96 14.10
CA GLN A 216 10.36 -25.87 14.47
C GLN A 216 11.68 -25.39 13.80
N GLN A 217 11.70 -25.26 12.47
CA GLN A 217 12.87 -24.75 11.69
C GLN A 217 13.19 -23.32 12.16
N LEU B 8 4.29 -0.95 4.61
CA LEU B 8 3.37 -0.59 3.48
C LEU B 8 4.14 -0.66 2.16
N ARG B 9 3.48 -1.16 1.12
CA ARG B 9 4.13 -1.64 -0.12
C ARG B 9 3.57 -0.84 -1.29
N ILE B 10 4.38 -0.60 -2.32
CA ILE B 10 4.00 0.13 -3.56
C ILE B 10 4.16 -0.83 -4.75
N ALA B 11 3.20 -0.86 -5.67
CA ALA B 11 3.27 -1.67 -6.92
C ALA B 11 4.09 -0.92 -7.98
N ALA B 12 4.26 -1.51 -9.17
CA ALA B 12 5.03 -0.93 -10.30
C ALA B 12 4.06 -0.53 -11.43
#